data_2X1X
#
_entry.id   2X1X
#
_cell.length_a   88.733
_cell.length_b   88.733
_cell.length_c   105.273
_cell.angle_alpha   90.00
_cell.angle_beta   90.00
_cell.angle_gamma   90.00
#
_symmetry.space_group_name_H-M   'P 42 21 2'
#
loop_
_entity.id
_entity.type
_entity.pdbx_description
1 polymer 'VASCULAR ENDOTHELIAL GROWTH FACTOR C'
2 polymer 'VASCULAR ENDOTHELIAL GROWTH FACTOR RECEPTOR 2'
3 branched beta-D-mannopyranose-(1-4)-2-acetamido-2-deoxy-beta-D-glucopyranose-(1-4)-2-acetamido-2-deoxy-beta-D-glucopyranose
4 branched 2-acetamido-2-deoxy-beta-D-glucopyranose-(1-4)-2-acetamido-2-deoxy-beta-D-glucopyranose
5 non-polymer 'MERCURY (II) ION'
6 non-polymer 2-acetamido-2-deoxy-beta-D-glucopyranose
7 water water
#
loop_
_entity_poly.entity_id
_entity_poly.type
_entity_poly.pdbx_seq_one_letter_code
_entity_poly.pdbx_strand_id
1 'polypeptide(L)'
;AHYNTEILKSIDNEWRKTQCMPREVAIDVGKEFGVATNTFFKPPCVSVYRCGGCCNSEGLQCMNTSTSYLSKTLFEITVP
LSQGPKPVTISFANHTSCRCMSKLHHHHHH
;
E
2 'polypeptide(L)'
;DYRSPFIASVSDQHGVVYITENKNKTVVIPCLGSISNLNVSLCARYPEKRFVPDGNRISWDSKKGFTIPSYMISYAGMVF
CEAKINDESYQSIMYIVVVVGYRIYDVVLSPSHGIELSVGEKLVLNCTARTELNVGIDFNWEYPSSKHQHKKLVNRDLKT
QSGSEMKKFLSTLTIDGVTRSDQGLYTCAASSGLMTKKNSTFVRVHEDPIEGR
;
R
#
# COMPACT_ATOMS: atom_id res chain seq x y z
N HIS A 2 -11.11 -31.74 43.75
CA HIS A 2 -9.64 -31.67 43.96
C HIS A 2 -9.00 -30.66 42.97
N TYR A 3 -7.67 -30.50 43.06
CA TYR A 3 -6.93 -29.61 42.18
C TYR A 3 -7.00 -30.05 40.71
N ASN A 4 -7.35 -31.31 40.49
CA ASN A 4 -7.53 -31.87 39.13
C ASN A 4 -8.65 -31.18 38.36
N THR A 5 -9.68 -30.74 39.09
CA THR A 5 -10.78 -29.97 38.50
C THR A 5 -10.30 -28.61 37.99
N GLU A 6 -9.33 -28.02 38.70
CA GLU A 6 -8.73 -26.76 38.27
C GLU A 6 -8.02 -26.89 36.92
N ILE A 7 -7.30 -28.00 36.74
CA ILE A 7 -6.59 -28.26 35.48
C ILE A 7 -7.59 -28.61 34.38
N LEU A 8 -8.57 -29.44 34.71
CA LEU A 8 -9.61 -29.84 33.77
C LEU A 8 -10.44 -28.65 33.27
N LYS A 9 -10.87 -27.79 34.19
CA LYS A 9 -11.61 -26.59 33.85
C LYS A 9 -10.89 -25.76 32.79
N SER A 10 -9.60 -25.50 33.02
CA SER A 10 -8.80 -24.64 32.14
C SER A 10 -8.58 -25.27 30.77
N ILE A 11 -8.42 -26.59 30.75
CA ILE A 11 -8.10 -27.32 29.52
C ILE A 11 -9.29 -27.48 28.57
N ASP A 12 -10.48 -27.64 29.14
CA ASP A 12 -11.72 -27.71 28.35
C ASP A 12 -11.99 -26.33 27.76
N ASN A 13 -11.78 -25.32 28.59
CA ASN A 13 -11.88 -23.93 28.17
C ASN A 13 -10.90 -23.61 27.04
N GLU A 14 -9.73 -24.23 27.07
CA GLU A 14 -8.69 -24.02 26.05
C GLU A 14 -9.12 -24.57 24.70
N TRP A 15 -9.65 -25.80 24.72
CA TRP A 15 -10.20 -26.43 23.51
C TRP A 15 -11.32 -25.59 22.89
N ARG A 16 -12.16 -25.02 23.75
CA ARG A 16 -13.31 -24.21 23.32
C ARG A 16 -12.88 -22.94 22.62
N LYS A 17 -11.90 -22.24 23.21
CA LYS A 17 -11.45 -20.97 22.68
C LYS A 17 -10.60 -21.12 21.41
N THR A 18 -10.06 -22.33 21.20
CA THR A 18 -9.15 -22.57 20.08
C THR A 18 -9.75 -23.38 18.93
N GLN A 19 -11.04 -23.69 19.00
CA GLN A 19 -11.69 -24.52 17.99
C GLN A 19 -11.75 -23.85 16.60
N CYS A 20 -12.08 -24.66 15.60
CA CYS A 20 -12.22 -24.20 14.23
C CYS A 20 -13.49 -23.38 14.13
N MET A 21 -13.33 -22.06 14.03
CA MET A 21 -14.46 -21.11 13.99
C MET A 21 -14.09 -19.84 13.21
N PRO A 22 -15.11 -19.08 12.74
CA PRO A 22 -14.82 -17.82 12.05
C PRO A 22 -14.17 -16.81 12.97
N ARG A 23 -13.10 -16.17 12.52
CA ARG A 23 -12.36 -15.23 13.35
C ARG A 23 -12.09 -13.93 12.61
N GLU A 24 -12.34 -12.81 13.30
CA GLU A 24 -12.10 -11.48 12.73
C GLU A 24 -10.62 -11.25 12.55
N VAL A 25 -10.21 -11.04 11.30
CA VAL A 25 -8.82 -10.79 10.96
C VAL A 25 -8.70 -9.59 10.04
N ALA A 26 -7.52 -8.97 10.06
CA ALA A 26 -7.21 -7.92 9.10
C ALA A 26 -6.67 -8.57 7.85
N ILE A 27 -7.15 -8.13 6.70
CA ILE A 27 -6.71 -8.62 5.41
C ILE A 27 -6.01 -7.50 4.67
N ASP A 28 -4.74 -7.70 4.32
CA ASP A 28 -4.06 -6.76 3.45
C ASP A 28 -4.73 -6.81 2.08
N VAL A 29 -5.31 -5.68 1.68
CA VAL A 29 -6.12 -5.60 0.48
C VAL A 29 -5.30 -5.88 -0.77
N GLY A 30 -4.28 -5.04 -0.99
CA GLY A 30 -3.42 -5.15 -2.17
C GLY A 30 -2.68 -6.47 -2.32
N LYS A 31 -2.90 -7.40 -1.41
CA LYS A 31 -2.29 -8.72 -1.45
C LYS A 31 -3.27 -9.80 -1.89
N GLU A 32 -4.52 -9.67 -1.43
CA GLU A 32 -5.61 -10.57 -1.84
C GLU A 32 -5.94 -10.29 -3.30
N PHE A 33 -6.22 -9.02 -3.58
CA PHE A 33 -6.36 -8.51 -4.94
C PHE A 33 -5.02 -8.65 -5.66
N GLY A 34 -3.93 -8.66 -4.87
CA GLY A 34 -2.57 -8.79 -5.38
C GLY A 34 -2.29 -7.79 -6.49
N VAL A 35 -2.58 -6.52 -6.20
CA VAL A 35 -2.66 -5.48 -7.23
C VAL A 35 -1.36 -5.19 -8.00
N ALA A 36 -0.55 -4.26 -7.50
CA ALA A 36 0.53 -3.74 -8.33
C ALA A 36 1.65 -3.03 -7.57
N THR A 37 2.71 -2.79 -8.34
CA THR A 37 3.91 -2.09 -7.90
C THR A 37 3.63 -0.61 -7.67
N ASN A 38 2.64 -0.09 -8.41
CA ASN A 38 2.30 1.33 -8.37
C ASN A 38 0.91 1.60 -7.80
N THR A 39 0.41 0.71 -6.94
CA THR A 39 -0.93 0.89 -6.39
C THR A 39 -0.99 0.75 -4.87
N PHE A 40 -1.49 1.80 -4.23
CA PHE A 40 -1.64 1.85 -2.78
C PHE A 40 -3.11 1.94 -2.39
N PHE A 41 -3.45 1.32 -1.25
CA PHE A 41 -4.81 1.39 -0.72
C PHE A 41 -4.86 2.12 0.60
N LYS A 42 -5.88 2.96 0.74
CA LYS A 42 -6.16 3.68 1.97
C LYS A 42 -7.64 3.44 2.27
N PRO A 43 -7.93 2.68 3.34
CA PRO A 43 -7.01 2.04 4.28
C PRO A 43 -6.31 0.83 3.67
N PRO A 44 -5.14 0.45 4.21
CA PRO A 44 -4.41 -0.71 3.72
C PRO A 44 -5.18 -2.02 3.91
N CYS A 45 -6.07 -2.06 4.91
CA CYS A 45 -6.75 -3.30 5.26
C CYS A 45 -8.24 -3.20 5.43
N VAL A 46 -8.86 -4.37 5.56
CA VAL A 46 -10.28 -4.51 5.84
C VAL A 46 -10.49 -5.56 6.94
N SER A 47 -11.49 -5.33 7.78
CA SER A 47 -11.85 -6.28 8.82
C SER A 47 -12.87 -7.27 8.29
N VAL A 48 -12.47 -8.54 8.20
CA VAL A 48 -13.35 -9.60 7.72
C VAL A 48 -13.12 -10.91 8.49
N TYR A 49 -14.12 -11.80 8.47
CA TYR A 49 -14.04 -13.04 9.24
C TYR A 49 -13.57 -14.22 8.41
N ARG A 50 -12.47 -14.83 8.86
CA ARG A 50 -11.89 -16.01 8.22
C ARG A 50 -11.77 -17.15 9.23
N CYS A 51 -11.81 -18.38 8.74
CA CYS A 51 -11.75 -19.56 9.60
C CYS A 51 -10.36 -19.81 10.16
N GLY A 52 -10.28 -19.87 11.48
CA GLY A 52 -9.03 -20.20 12.18
C GLY A 52 -9.29 -21.19 13.29
N GLY A 53 -8.28 -21.44 14.11
CA GLY A 53 -8.36 -22.43 15.18
C GLY A 53 -7.59 -23.68 14.83
N CYS A 54 -7.69 -24.71 15.67
CA CYS A 54 -6.94 -25.95 15.46
C CYS A 54 -7.82 -27.19 15.44
N CYS A 55 -7.42 -28.12 14.58
CA CYS A 55 -8.04 -29.44 14.57
C CYS A 55 -7.18 -30.39 15.38
N ASN A 56 -7.84 -31.32 16.06
CA ASN A 56 -7.16 -32.22 16.98
C ASN A 56 -6.42 -33.35 16.28
N SER A 57 -6.83 -33.63 15.04
CA SER A 57 -6.19 -34.62 14.21
C SER A 57 -5.66 -34.02 12.92
N GLU A 58 -4.33 -33.97 12.81
CA GLU A 58 -3.65 -33.66 11.54
C GLU A 58 -4.22 -34.56 10.46
N GLY A 59 -4.61 -33.96 9.33
CA GLY A 59 -5.42 -34.69 8.35
C GLY A 59 -6.84 -34.16 8.36
N LEU A 60 -7.10 -33.29 9.33
CA LEU A 60 -8.26 -32.41 9.32
C LEU A 60 -7.71 -31.00 9.41
N GLN A 61 -8.09 -30.13 8.48
CA GLN A 61 -7.76 -28.72 8.62
C GLN A 61 -9.00 -27.83 8.64
N CYS A 62 -8.85 -26.67 9.26
CA CYS A 62 -9.95 -25.72 9.44
C CYS A 62 -10.29 -25.05 8.12
N MET A 63 -11.49 -25.37 7.62
CA MET A 63 -12.00 -24.80 6.37
C MET A 63 -13.42 -24.34 6.51
N ASN A 64 -13.75 -23.26 5.81
CA ASN A 64 -15.11 -22.72 5.81
C ASN A 64 -16.04 -23.60 5.00
N THR A 65 -17.30 -23.65 5.43
CA THR A 65 -18.29 -24.49 4.78
C THR A 65 -19.36 -23.65 4.07
N SER A 66 -19.42 -22.38 4.44
CA SER A 66 -20.25 -21.40 3.72
C SER A 66 -19.61 -20.02 3.79
N THR A 67 -19.72 -19.27 2.69
CA THR A 67 -19.07 -17.97 2.57
C THR A 67 -20.02 -16.91 2.05
N SER A 68 -20.08 -15.79 2.76
CA SER A 68 -20.68 -14.58 2.20
C SER A 68 -19.58 -13.78 1.53
N TYR A 69 -19.97 -12.85 0.66
CA TYR A 69 -19.03 -11.90 0.09
C TYR A 69 -19.47 -10.49 0.48
N LEU A 70 -18.50 -9.59 0.63
CA LEU A 70 -18.79 -8.24 1.07
C LEU A 70 -18.07 -7.22 0.21
N SER A 71 -18.83 -6.21 -0.22
CA SER A 71 -18.26 -5.11 -0.97
C SER A 71 -17.92 -3.97 -0.03
N LYS A 72 -16.63 -3.71 0.12
CA LYS A 72 -16.14 -2.59 0.90
C LYS A 72 -15.59 -1.52 -0.03
N THR A 73 -15.66 -0.27 0.40
CA THR A 73 -15.16 0.84 -0.41
C THR A 73 -13.88 1.39 0.18
N LEU A 74 -12.84 1.43 -0.65
CA LEU A 74 -11.53 1.93 -0.26
C LEU A 74 -11.04 2.95 -1.27
N PHE A 75 -10.30 3.96 -0.80
CA PHE A 75 -9.65 4.90 -1.71
C PHE A 75 -8.37 4.29 -2.26
N GLU A 76 -8.29 4.16 -3.58
CA GLU A 76 -7.13 3.62 -4.26
C GLU A 76 -6.23 4.75 -4.74
N ILE A 77 -4.95 4.67 -4.35
CA ILE A 77 -3.94 5.63 -4.79
C ILE A 77 -2.98 4.94 -5.76
N THR A 78 -2.66 5.61 -6.86
CA THR A 78 -1.71 5.10 -7.84
C THR A 78 -0.58 6.09 -8.05
N VAL A 79 0.60 5.57 -8.37
CA VAL A 79 1.76 6.40 -8.67
C VAL A 79 2.33 6.13 -10.06
N PRO A 80 2.93 7.16 -10.71
CA PRO A 80 3.08 8.53 -10.21
C PRO A 80 1.73 9.18 -9.96
N LEU A 81 1.57 9.80 -8.78
CA LEU A 81 0.31 10.42 -8.43
C LEU A 81 0.00 11.57 -9.37
N SER A 82 -0.98 11.32 -10.22
CA SER A 82 -1.47 12.29 -11.19
C SER A 82 -2.86 12.71 -10.75
N GLN A 83 -3.57 11.77 -10.11
CA GLN A 83 -4.76 12.05 -9.32
C GLN A 83 -4.26 12.25 -7.87
N GLY A 84 -5.10 12.12 -6.84
CA GLY A 84 -6.51 11.73 -6.92
C GLY A 84 -6.76 10.36 -6.30
N PRO A 85 -7.01 10.33 -4.96
CA PRO A 85 -7.52 9.08 -4.41
C PRO A 85 -8.95 8.86 -4.90
N LYS A 86 -9.15 7.75 -5.59
CA LYS A 86 -10.43 7.43 -6.21
C LYS A 86 -11.19 6.36 -5.41
N PRO A 87 -12.45 6.60 -5.07
CA PRO A 87 -13.21 5.63 -4.30
C PRO A 87 -13.51 4.38 -5.14
N VAL A 88 -12.86 3.29 -4.83
CA VAL A 88 -13.11 2.02 -5.52
C VAL A 88 -13.74 0.99 -4.56
N THR A 89 -14.52 0.07 -5.09
CA THR A 89 -15.06 -1.01 -4.27
C THR A 89 -14.43 -2.35 -4.61
N ILE A 90 -14.22 -3.16 -3.57
CA ILE A 90 -13.67 -4.50 -3.72
C ILE A 90 -14.53 -5.50 -2.94
N SER A 91 -14.72 -6.68 -3.50
CA SER A 91 -15.58 -7.71 -2.90
C SER A 91 -14.79 -8.78 -2.14
N PHE A 92 -14.85 -8.74 -0.82
CA PHE A 92 -14.08 -9.64 0.05
C PHE A 92 -14.92 -10.80 0.61
N ALA A 93 -14.32 -11.98 0.60
CA ALA A 93 -14.96 -13.18 1.14
C ALA A 93 -15.09 -13.12 2.65
N ASN A 94 -16.27 -13.50 3.14
CA ASN A 94 -16.51 -13.56 4.57
C ASN A 94 -17.07 -14.91 4.95
N HIS A 95 -16.30 -15.65 5.73
CA HIS A 95 -16.69 -17.00 6.16
C HIS A 95 -17.71 -16.95 7.28
N THR A 96 -18.75 -17.77 7.17
CA THR A 96 -19.85 -17.78 8.12
C THR A 96 -19.98 -19.09 8.89
N SER A 97 -19.25 -20.12 8.44
CA SER A 97 -19.18 -21.40 9.15
C SER A 97 -17.90 -22.17 8.80
N CYS A 98 -17.35 -22.87 9.80
CA CYS A 98 -16.13 -23.64 9.62
C CYS A 98 -16.26 -25.08 10.16
N ARG A 99 -15.42 -25.96 9.64
CA ARG A 99 -15.41 -27.37 10.02
C ARG A 99 -14.03 -27.96 9.73
N CYS A 100 -13.55 -28.80 10.64
CA CYS A 100 -12.30 -29.52 10.42
C CYS A 100 -12.55 -30.67 9.47
N MET A 101 -12.28 -30.44 8.19
CA MET A 101 -12.57 -31.40 7.14
C MET A 101 -11.30 -32.10 6.70
N SER A 102 -11.43 -33.34 6.23
CA SER A 102 -10.28 -34.15 5.82
C SER A 102 -9.49 -33.49 4.70
N LYS A 103 -8.17 -33.68 4.73
CA LYS A 103 -7.25 -32.98 3.82
C LYS A 103 -7.36 -33.46 2.37
N LEU A 104 -7.37 -34.77 2.16
CA LEU A 104 -7.53 -35.36 0.83
C LEU A 104 -8.42 -36.59 0.84
N ARG B 3 -22.92 27.38 8.40
CA ARG B 3 -23.15 26.24 9.39
C ARG B 3 -21.94 26.11 10.34
N SER B 4 -20.74 26.04 9.76
CA SER B 4 -19.52 25.70 10.49
C SER B 4 -18.43 26.77 10.37
N PRO B 5 -17.65 27.00 11.47
CA PRO B 5 -16.44 27.84 11.48
C PRO B 5 -15.38 27.37 10.46
N PHE B 6 -15.21 26.05 10.34
CA PHE B 6 -14.29 25.51 9.34
C PHE B 6 -14.90 25.61 7.95
N ILE B 7 -14.08 26.08 7.01
CA ILE B 7 -14.45 26.11 5.58
C ILE B 7 -13.20 25.76 4.80
N ALA B 8 -13.28 24.70 4.00
CA ALA B 8 -12.11 24.21 3.26
C ALA B 8 -12.38 24.11 1.75
N SER B 11 -14.01 21.64 -1.40
CA SER B 11 -14.05 20.93 -2.68
C SER B 11 -14.88 19.66 -2.58
N ASP B 12 -14.34 18.66 -1.89
CA ASP B 12 -15.04 17.41 -1.61
C ASP B 12 -15.45 17.36 -0.14
N GLN B 13 -16.01 16.24 0.30
CA GLN B 13 -16.36 16.04 1.71
C GLN B 13 -15.17 15.48 2.49
N HIS B 14 -14.11 15.15 1.77
CA HIS B 14 -12.87 14.65 2.35
C HIS B 14 -11.70 15.26 1.60
N GLY B 15 -10.63 15.57 2.32
CA GLY B 15 -9.42 16.13 1.73
C GLY B 15 -8.26 15.15 1.75
N VAL B 16 -7.11 15.58 1.24
CA VAL B 16 -5.92 14.74 1.22
C VAL B 16 -4.72 15.48 1.81
N VAL B 17 -3.91 14.76 2.57
CA VAL B 17 -2.68 15.31 3.15
C VAL B 17 -1.50 14.39 2.81
N TYR B 18 -0.43 14.99 2.32
CA TYR B 18 0.74 14.22 1.89
C TYR B 18 1.93 14.54 2.76
N ILE B 19 2.49 13.50 3.38
CA ILE B 19 3.74 13.63 4.12
C ILE B 19 4.90 13.27 3.20
N THR B 20 5.42 14.29 2.52
CA THR B 20 6.64 14.18 1.73
C THR B 20 7.85 14.37 2.63
N GLU B 21 9.06 14.06 2.17
CA GLU B 21 10.28 14.02 2.99
C GLU B 21 10.74 15.42 3.44
N ASN B 22 11.05 15.50 4.73
CA ASN B 22 11.45 16.73 5.44
C ASN B 22 12.85 17.22 5.07
N LYS B 23 13.20 18.48 5.36
CA LYS B 23 12.37 19.48 6.07
C LYS B 23 11.35 20.17 5.15
N ASN B 24 10.42 20.99 5.69
CA ASN B 24 10.36 21.44 7.11
C ASN B 24 10.14 20.38 8.20
N LYS B 25 9.66 19.16 7.73
CA LYS B 25 9.25 18.11 8.69
C LYS B 25 7.85 18.43 9.20
N THR B 26 7.46 19.69 9.05
CA THR B 26 6.11 20.14 9.38
C THR B 26 5.21 20.04 8.17
N VAL B 27 3.99 19.51 8.40
CA VAL B 27 2.95 19.40 7.37
C VAL B 27 1.81 20.36 7.73
N VAL B 28 1.13 20.87 6.70
CA VAL B 28 0.05 21.82 6.90
C VAL B 28 -1.30 21.22 6.53
N ILE B 29 -2.19 21.14 7.52
CA ILE B 29 -3.57 20.78 7.26
C ILE B 29 -4.37 22.06 7.10
N PRO B 30 -4.89 22.31 5.88
CA PRO B 30 -5.65 23.53 5.57
C PRO B 30 -7.01 23.56 6.27
N CYS B 31 -6.98 23.82 7.58
CA CYS B 31 -8.20 23.94 8.38
C CYS B 31 -8.64 25.40 8.48
N LEU B 32 -8.69 26.08 7.33
CA LEU B 32 -8.99 27.51 7.28
C LEU B 32 -10.28 27.81 8.04
N GLY B 33 -10.18 28.74 8.98
CA GLY B 33 -11.29 29.08 9.85
C GLY B 33 -11.99 30.36 9.44
N SER B 34 -13.25 30.47 9.85
CA SER B 34 -14.07 31.65 9.56
C SER B 34 -13.78 32.77 10.56
N ILE B 35 -13.27 32.37 11.74
CA ILE B 35 -12.98 33.30 12.82
C ILE B 35 -11.49 33.20 13.17
N SER B 36 -10.98 34.19 13.89
CA SER B 36 -9.60 34.18 14.37
C SER B 36 -9.48 33.64 15.79
N ASN B 37 -10.34 34.13 16.70
CA ASN B 37 -10.23 33.81 18.12
C ASN B 37 -10.71 32.41 18.51
N LEU B 38 -10.25 31.39 17.79
CA LEU B 38 -10.64 30.00 18.05
C LEU B 38 -9.48 29.11 18.52
N ASN B 39 -9.73 28.36 19.58
CA ASN B 39 -8.78 27.37 20.08
C ASN B 39 -8.98 26.04 19.36
N VAL B 40 -8.13 25.81 18.35
CA VAL B 40 -8.24 24.64 17.50
C VAL B 40 -7.18 23.61 17.85
N SER B 41 -7.57 22.34 17.90
CA SER B 41 -6.64 21.23 18.07
C SER B 41 -6.67 20.31 16.84
N LEU B 42 -5.65 19.47 16.68
CA LEU B 42 -5.62 18.50 15.58
C LEU B 42 -5.87 17.08 16.08
N CYS B 43 -7.02 16.53 15.69
CA CYS B 43 -7.38 15.16 16.02
C CYS B 43 -6.90 14.19 14.94
N ALA B 44 -6.08 13.23 15.35
CA ALA B 44 -5.60 12.17 14.46
C ALA B 44 -6.00 10.77 14.98
N ARG B 45 -6.20 9.84 14.04
CA ARG B 45 -6.61 8.47 14.33
C ARG B 45 -6.21 7.54 13.19
N TYR B 46 -6.05 6.23 13.43
CA TYR B 46 -6.13 5.57 14.75
C TYR B 46 -4.74 5.08 15.21
N PRO B 47 -4.52 5.02 16.54
CA PRO B 47 -5.42 5.36 17.64
C PRO B 47 -5.62 6.86 17.81
N GLU B 48 -6.58 7.25 18.65
CA GLU B 48 -6.86 8.65 18.91
C GLU B 48 -5.68 9.37 19.54
N LYS B 49 -5.28 10.47 18.93
CA LYS B 49 -4.30 11.38 19.48
C LYS B 49 -4.78 12.79 19.24
N ARG B 50 -4.62 13.64 20.26
CA ARG B 50 -4.99 15.04 20.17
C ARG B 50 -3.72 15.86 20.24
N PHE B 51 -3.63 16.89 19.42
CA PHE B 51 -2.45 17.75 19.38
C PHE B 51 -2.84 19.22 19.53
N VAL B 52 -2.16 19.89 20.46
CA VAL B 52 -2.50 21.25 20.90
C VAL B 52 -1.32 22.19 20.65
N PRO B 53 -1.58 23.38 20.07
CA PRO B 53 -0.52 24.35 19.73
C PRO B 53 0.42 24.68 20.88
N ASP B 54 1.72 24.66 20.61
CA ASP B 54 2.73 25.01 21.61
C ASP B 54 3.68 26.10 21.09
N GLY B 55 3.10 27.09 20.42
CA GLY B 55 3.86 28.20 19.83
C GLY B 55 5.17 28.50 20.55
N ASN B 56 6.29 28.37 19.84
CA ASN B 56 6.27 28.10 18.40
C ASN B 56 6.77 26.70 18.01
N ARG B 57 5.91 25.99 17.28
CA ARG B 57 6.21 24.71 16.59
C ARG B 57 4.91 24.12 16.04
N ILE B 58 4.00 23.78 16.95
CA ILE B 58 2.65 23.40 16.59
C ILE B 58 1.80 24.66 16.68
N SER B 59 1.05 24.96 15.63
CA SER B 59 0.25 26.18 15.58
C SER B 59 -0.92 26.10 14.60
N TRP B 60 -1.99 26.83 14.92
CA TRP B 60 -3.10 27.05 13.99
C TRP B 60 -3.30 28.54 13.70
N ASP B 61 -3.12 28.90 12.44
CA ASP B 61 -3.43 30.24 11.96
C ASP B 61 -4.74 30.20 11.16
N SER B 62 -5.61 31.16 11.42
CA SER B 62 -6.92 31.22 10.79
C SER B 62 -6.86 31.41 9.27
N LYS B 63 -5.65 31.65 8.76
CA LYS B 63 -5.46 31.90 7.33
C LYS B 63 -4.64 30.80 6.65
N LYS B 64 -3.94 30.00 7.45
CA LYS B 64 -3.06 28.96 6.93
C LYS B 64 -3.52 27.55 7.31
N GLY B 65 -4.38 27.45 8.32
CA GLY B 65 -4.78 26.16 8.86
C GLY B 65 -3.81 25.63 9.90
N PHE B 66 -3.88 24.34 10.18
CA PHE B 66 -3.05 23.73 11.23
C PHE B 66 -1.66 23.38 10.71
N THR B 67 -0.67 23.49 11.59
CA THR B 67 0.71 23.17 11.24
C THR B 67 1.34 22.29 12.31
N ILE B 68 1.75 21.09 11.92
CA ILE B 68 2.34 20.11 12.84
C ILE B 68 3.57 19.44 12.21
N PRO B 69 4.64 19.24 13.00
CA PRO B 69 5.72 18.36 12.55
C PRO B 69 5.15 17.00 12.17
N SER B 70 5.33 16.64 10.91
CA SER B 70 4.62 15.50 10.30
C SER B 70 4.89 14.11 10.91
N TYR B 71 5.92 14.00 11.75
CA TYR B 71 6.20 12.72 12.38
C TYR B 71 5.11 12.34 13.38
N MET B 72 4.41 13.34 13.91
CA MET B 72 3.39 13.14 14.93
C MET B 72 2.09 12.59 14.35
N ILE B 73 1.86 12.82 13.06
CA ILE B 73 0.66 12.32 12.39
C ILE B 73 0.95 11.32 11.26
N SER B 74 2.21 10.91 11.10
CA SER B 74 2.58 9.98 10.04
C SER B 74 1.91 8.61 10.23
N TYR B 75 1.77 8.21 11.49
CA TYR B 75 1.16 6.93 11.88
C TYR B 75 -0.30 6.84 11.45
N ALA B 76 -0.94 8.01 11.36
CA ALA B 76 -2.39 8.11 11.29
C ALA B 76 -2.98 7.70 9.94
N GLY B 77 -4.22 7.24 9.98
CA GLY B 77 -4.97 6.93 8.77
C GLY B 77 -5.60 8.20 8.26
N MET B 78 -6.15 8.99 9.17
CA MET B 78 -6.76 10.27 8.83
C MET B 78 -6.71 11.28 9.98
N VAL B 79 -6.75 12.56 9.61
CA VAL B 79 -6.73 13.65 10.57
C VAL B 79 -7.91 14.60 10.35
N PHE B 80 -8.19 15.42 11.36
CA PHE B 80 -9.13 16.53 11.24
C PHE B 80 -8.93 17.49 12.40
N CYS B 81 -9.05 18.78 12.13
CA CYS B 81 -8.97 19.77 13.18
C CYS B 81 -10.32 19.87 13.86
N GLU B 82 -10.30 20.20 15.15
CA GLU B 82 -11.50 20.29 15.96
C GLU B 82 -11.47 21.56 16.75
N ALA B 83 -12.51 22.38 16.56
CA ALA B 83 -12.67 23.62 17.31
C ALA B 83 -13.95 23.54 18.10
N LYS B 84 -13.92 24.03 19.33
CA LYS B 84 -15.10 24.01 20.18
C LYS B 84 -15.39 25.37 20.81
N ILE B 85 -16.67 25.74 20.81
CA ILE B 85 -17.15 26.85 21.63
C ILE B 85 -18.07 26.31 22.74
N ASN B 86 -18.89 25.32 22.38
CA ASN B 86 -19.67 24.49 23.30
C ASN B 86 -20.44 23.38 22.57
N SER B 89 -19.02 20.67 20.11
CA SER B 89 -17.75 20.52 19.43
C SER B 89 -17.95 20.47 17.92
N TYR B 90 -17.46 21.50 17.23
CA TYR B 90 -17.44 21.51 15.76
C TYR B 90 -16.13 20.89 15.28
N GLN B 91 -16.13 20.38 14.05
CA GLN B 91 -14.92 19.82 13.45
C GLN B 91 -14.84 20.02 11.94
N SER B 92 -13.63 19.92 11.42
CA SER B 92 -13.39 20.05 9.99
C SER B 92 -13.77 18.79 9.21
N ILE B 93 -13.41 18.77 7.93
CA ILE B 93 -13.59 17.58 7.10
C ILE B 93 -12.44 16.60 7.34
N MET B 94 -12.69 15.33 7.07
CA MET B 94 -11.64 14.33 7.21
C MET B 94 -10.59 14.48 6.10
N TYR B 95 -9.32 14.56 6.49
CA TYR B 95 -8.22 14.56 5.54
C TYR B 95 -7.51 13.22 5.64
N ILE B 96 -7.44 12.50 4.52
CA ILE B 96 -6.71 11.23 4.49
C ILE B 96 -5.20 11.46 4.50
N VAL B 97 -4.50 10.78 5.40
CA VAL B 97 -3.05 10.86 5.47
C VAL B 97 -2.41 9.87 4.51
N VAL B 98 -1.65 10.42 3.56
CA VAL B 98 -0.86 9.63 2.62
C VAL B 98 0.62 9.93 2.85
N VAL B 99 1.35 8.94 3.36
CA VAL B 99 2.81 9.07 3.51
C VAL B 99 3.44 8.66 2.18
N VAL B 100 4.30 9.52 1.63
CA VAL B 100 4.79 9.34 0.26
C VAL B 100 6.31 9.37 0.16
N GLY B 101 6.88 8.24 -0.23
CA GLY B 101 8.31 8.12 -0.51
C GLY B 101 8.57 8.47 -1.96
N TYR B 102 9.84 8.66 -2.31
CA TYR B 102 10.21 9.07 -3.66
C TYR B 102 11.54 8.49 -4.16
N ARG B 103 12.39 8.07 -3.22
CA ARG B 103 13.75 7.62 -3.55
C ARG B 103 13.81 6.26 -4.25
N ILE B 104 14.58 6.20 -5.34
CA ILE B 104 14.99 4.93 -5.94
C ILE B 104 16.50 4.78 -5.74
N TYR B 105 16.90 3.69 -5.08
CA TYR B 105 18.31 3.45 -4.82
C TYR B 105 19.07 3.04 -6.08
N ASP B 106 18.66 1.92 -6.69
CA ASP B 106 19.29 1.48 -7.95
C ASP B 106 18.37 0.70 -8.89
N VAL B 107 18.52 0.95 -10.19
CA VAL B 107 17.83 0.21 -11.23
C VAL B 107 18.84 -0.71 -11.93
N VAL B 108 18.64 -2.02 -11.80
CA VAL B 108 19.57 -3.00 -12.36
C VAL B 108 18.86 -3.97 -13.31
N LEU B 109 19.48 -4.18 -14.48
CA LEU B 109 18.98 -5.14 -15.46
C LEU B 109 19.68 -6.49 -15.36
N SER B 110 18.99 -7.54 -15.78
CA SER B 110 19.54 -8.89 -15.78
C SER B 110 19.09 -9.65 -17.03
N PRO B 111 20.05 -10.09 -17.85
CA PRO B 111 21.51 -9.94 -17.66
C PRO B 111 21.96 -8.49 -17.86
N SER B 112 23.05 -8.13 -17.19
CA SER B 112 23.51 -6.73 -17.15
C SER B 112 24.27 -6.29 -18.40
N HIS B 113 25.08 -7.18 -18.95
CA HIS B 113 25.99 -6.84 -20.04
C HIS B 113 26.14 -7.96 -21.08
N GLY B 114 26.46 -7.56 -22.31
CA GLY B 114 26.75 -8.47 -23.40
C GLY B 114 25.67 -9.50 -23.65
N ILE B 115 24.52 -9.05 -24.16
CA ILE B 115 23.46 -9.97 -24.56
C ILE B 115 23.59 -10.31 -26.04
N GLU B 116 23.98 -11.56 -26.30
CA GLU B 116 24.14 -12.05 -27.66
C GLU B 116 23.09 -13.11 -27.92
N LEU B 117 22.32 -12.94 -28.99
CA LEU B 117 21.23 -13.85 -29.30
C LEU B 117 21.17 -14.17 -30.79
N SER B 118 20.48 -15.27 -31.12
CA SER B 118 20.28 -15.63 -32.52
C SER B 118 18.80 -15.70 -32.82
N VAL B 119 18.45 -15.34 -34.06
CA VAL B 119 17.04 -15.30 -34.48
C VAL B 119 16.28 -16.53 -34.00
N GLY B 120 15.13 -16.29 -33.37
CA GLY B 120 14.30 -17.36 -32.83
C GLY B 120 14.41 -17.53 -31.33
N GLU B 121 15.55 -17.15 -30.76
CA GLU B 121 15.79 -17.32 -29.34
C GLU B 121 14.86 -16.50 -28.45
N LYS B 122 14.80 -16.88 -27.18
CA LYS B 122 13.98 -16.16 -26.21
C LYS B 122 14.83 -15.11 -25.52
N LEU B 123 14.30 -13.88 -25.50
CA LEU B 123 14.90 -12.80 -24.74
C LEU B 123 14.11 -12.58 -23.46
N VAL B 124 14.81 -12.54 -22.33
CA VAL B 124 14.18 -12.28 -21.05
C VAL B 124 14.97 -11.22 -20.32
N LEU B 125 14.38 -10.03 -20.21
CA LEU B 125 15.00 -8.96 -19.47
C LEU B 125 14.33 -8.78 -18.13
N ASN B 126 15.16 -8.77 -17.09
CA ASN B 126 14.69 -8.49 -15.75
C ASN B 126 15.18 -7.15 -15.28
N CYS B 127 14.26 -6.21 -15.14
CA CYS B 127 14.56 -4.92 -14.58
C CYS B 127 14.16 -4.95 -13.13
N THR B 128 15.06 -4.49 -12.26
CA THR B 128 14.79 -4.47 -10.83
C THR B 128 15.09 -3.09 -10.23
N ALA B 129 14.09 -2.52 -9.57
CA ALA B 129 14.25 -1.26 -8.86
C ALA B 129 14.17 -1.48 -7.36
N ARG B 130 15.15 -0.93 -6.64
CA ARG B 130 15.15 -0.98 -5.17
C ARG B 130 15.01 0.42 -4.61
N THR B 131 14.07 0.57 -3.67
CA THR B 131 13.60 1.88 -3.22
C THR B 131 13.45 1.95 -1.71
N GLU B 132 13.37 3.17 -1.19
CA GLU B 132 13.00 3.40 0.20
C GLU B 132 11.53 3.01 0.43
N LEU B 133 11.09 3.06 1.69
CA LEU B 133 9.73 2.66 2.06
C LEU B 133 8.68 3.66 1.59
N ASN B 134 7.41 3.26 1.66
CA ASN B 134 6.27 4.08 1.20
C ASN B 134 6.43 4.51 -0.25
N VAL B 135 7.00 3.62 -1.05
CA VAL B 135 7.23 3.88 -2.47
C VAL B 135 6.50 2.85 -3.33
N GLY B 136 5.90 3.33 -4.41
CA GLY B 136 5.41 2.47 -5.49
C GLY B 136 6.08 2.92 -6.79
N ILE B 137 6.21 1.99 -7.74
CA ILE B 137 6.88 2.32 -9.00
C ILE B 137 6.06 1.96 -10.24
N ASP B 138 6.10 2.85 -11.21
CA ASP B 138 5.60 2.57 -12.55
C ASP B 138 6.79 2.39 -13.50
N PHE B 139 6.76 1.29 -14.25
CA PHE B 139 7.78 0.99 -15.24
C PHE B 139 7.38 1.47 -16.63
N ASN B 140 8.36 2.01 -17.36
CA ASN B 140 8.20 2.32 -18.78
C ASN B 140 9.44 1.93 -19.57
N TRP B 141 9.26 0.98 -20.48
CA TRP B 141 10.36 0.43 -21.25
C TRP B 141 10.53 1.13 -22.59
N GLU B 142 11.75 1.06 -23.11
CA GLU B 142 12.04 1.54 -24.46
C GLU B 142 12.91 0.53 -25.18
N TYR B 143 12.43 0.07 -26.33
CA TYR B 143 13.13 -0.95 -27.10
C TYR B 143 12.98 -0.72 -28.61
N PRO B 144 13.94 -1.25 -29.41
CA PRO B 144 13.98 -1.06 -30.86
C PRO B 144 12.65 -1.33 -31.56
N SER B 145 12.09 -2.52 -31.36
CA SER B 145 10.87 -2.88 -32.06
C SER B 145 9.64 -2.44 -31.29
N SER B 146 9.29 -1.16 -31.40
CA SER B 146 7.99 -0.70 -30.93
C SER B 146 6.91 -1.18 -31.89
N LYS B 147 7.35 -1.72 -33.02
CA LYS B 147 6.51 -2.57 -33.87
C LYS B 147 6.26 -3.85 -33.08
N HIS B 148 5.01 -4.04 -32.68
CA HIS B 148 4.63 -5.10 -31.74
C HIS B 148 4.81 -6.52 -32.32
N GLN B 149 5.65 -7.32 -31.66
CA GLN B 149 5.90 -8.70 -32.08
C GLN B 149 6.23 -9.63 -30.91
N HIS B 150 5.21 -10.32 -30.41
CA HIS B 150 5.32 -11.33 -29.34
C HIS B 150 5.91 -10.81 -28.01
N LYS B 151 5.53 -9.59 -27.63
CA LYS B 151 6.05 -8.93 -26.42
C LYS B 151 5.19 -9.22 -25.21
N LYS B 152 5.82 -9.20 -24.03
CA LYS B 152 5.16 -9.56 -22.77
C LYS B 152 5.85 -8.87 -21.61
N LEU B 153 5.05 -8.24 -20.75
CA LEU B 153 5.56 -7.48 -19.62
C LEU B 153 4.82 -7.85 -18.35
N VAL B 154 5.57 -8.30 -17.34
CA VAL B 154 5.00 -8.70 -16.06
C VAL B 154 5.71 -7.99 -14.91
N ASN B 155 4.94 -7.27 -14.10
CA ASN B 155 5.50 -6.52 -12.98
C ASN B 155 5.17 -7.18 -11.64
N ARG B 156 6.20 -7.34 -10.80
CA ARG B 156 6.08 -8.11 -9.56
C ARG B 156 6.59 -7.40 -8.32
N ASP B 157 6.13 -7.87 -7.17
CA ASP B 157 6.67 -7.45 -5.89
C ASP B 157 7.50 -8.58 -5.30
N LEU B 158 8.76 -8.29 -5.06
CA LEU B 158 9.66 -9.21 -4.37
C LEU B 158 9.82 -8.67 -2.96
N LYS B 159 10.01 -9.57 -2.00
CA LYS B 159 9.98 -9.17 -0.60
C LYS B 159 11.36 -8.89 -0.05
N THR B 160 11.68 -7.61 0.09
CA THR B 160 12.97 -7.21 0.66
C THR B 160 13.19 -7.91 1.97
N GLN B 161 12.17 -7.89 2.83
CA GLN B 161 12.26 -8.48 4.15
C GLN B 161 12.69 -9.95 4.15
N SER B 162 13.82 -10.28 4.80
CA SER B 162 14.80 -9.32 5.38
C SER B 162 14.27 -8.35 6.45
N GLY B 163 13.34 -7.49 6.05
CA GLY B 163 12.80 -6.44 6.92
C GLY B 163 13.63 -5.19 6.75
N SER B 164 14.69 -5.32 5.94
CA SER B 164 15.75 -4.31 5.76
C SER B 164 15.29 -2.91 6.14
N GLU B 165 15.27 -2.03 5.15
CA GLU B 165 14.54 -0.77 5.23
C GLU B 165 14.13 -0.46 3.81
N MET B 166 13.80 -1.48 3.02
CA MET B 166 13.52 -1.20 1.61
C MET B 166 12.43 -2.03 0.94
N LYS B 167 12.11 -1.61 -0.28
CA LYS B 167 11.16 -2.29 -1.16
C LYS B 167 11.87 -2.65 -2.47
N LYS B 168 11.60 -3.85 -2.97
CA LYS B 168 12.23 -4.35 -4.21
C LYS B 168 11.20 -4.74 -5.27
N PHE B 169 11.32 -4.11 -6.44
CA PHE B 169 10.36 -4.27 -7.54
C PHE B 169 10.96 -4.88 -8.81
N LEU B 170 10.19 -5.72 -9.48
CA LEU B 170 10.66 -6.43 -10.69
C LEU B 170 9.74 -6.30 -11.90
N SER B 171 10.29 -5.80 -13.00
CA SER B 171 9.60 -5.81 -14.30
C SER B 171 10.34 -6.74 -15.26
N THR B 172 9.60 -7.57 -15.97
CA THR B 172 10.19 -8.61 -16.81
C THR B 172 9.72 -8.58 -18.26
N LEU B 173 10.61 -8.18 -19.16
CA LEU B 173 10.33 -8.18 -20.58
C LEU B 173 10.59 -9.56 -21.17
N THR B 174 9.76 -9.94 -22.14
CA THR B 174 9.87 -11.25 -22.79
C THR B 174 9.52 -11.19 -24.28
N ILE B 175 10.45 -11.62 -25.13
CA ILE B 175 10.19 -11.82 -26.57
C ILE B 175 10.54 -13.26 -26.94
N ASP B 176 9.56 -13.98 -27.49
CA ASP B 176 9.69 -15.43 -27.72
C ASP B 176 10.58 -15.79 -28.91
N GLY B 177 10.41 -15.07 -30.02
CA GLY B 177 11.20 -15.33 -31.21
C GLY B 177 11.87 -14.08 -31.72
N VAL B 178 12.98 -13.71 -31.07
CA VAL B 178 13.72 -12.50 -31.48
C VAL B 178 14.08 -12.52 -32.97
N THR B 179 13.97 -11.36 -33.59
CA THR B 179 14.31 -11.16 -34.99
C THR B 179 15.31 -10.00 -35.06
N ARG B 180 15.92 -9.77 -36.23
CA ARG B 180 16.99 -8.77 -36.34
C ARG B 180 16.53 -7.33 -36.15
N SER B 181 15.23 -7.13 -36.33
CA SER B 181 14.60 -5.83 -36.03
C SER B 181 14.66 -5.52 -34.53
N ASP B 182 14.61 -6.56 -33.71
CA ASP B 182 14.59 -6.40 -32.26
C ASP B 182 15.97 -6.07 -31.67
N GLN B 183 17.02 -6.15 -32.49
CA GLN B 183 18.38 -5.82 -32.06
C GLN B 183 18.51 -4.34 -31.77
N GLY B 184 19.01 -4.00 -30.58
CA GLY B 184 19.26 -2.59 -30.24
C GLY B 184 19.28 -2.30 -28.75
N LEU B 185 19.01 -1.05 -28.39
CA LEU B 185 19.04 -0.60 -27.00
C LEU B 185 17.73 -0.83 -26.26
N TYR B 186 17.83 -1.44 -25.09
CA TYR B 186 16.68 -1.68 -24.23
C TYR B 186 16.84 -0.86 -22.96
N THR B 187 15.93 0.08 -22.76
CA THR B 187 16.01 1.01 -21.63
C THR B 187 14.78 0.89 -20.75
N CYS B 188 14.98 0.38 -19.55
CA CYS B 188 13.91 0.24 -18.57
C CYS B 188 13.89 1.44 -17.61
N ALA B 189 12.76 2.13 -17.52
CA ALA B 189 12.64 3.28 -16.64
C ALA B 189 11.77 2.97 -15.44
N ALA B 190 12.27 3.29 -14.24
CA ALA B 190 11.53 3.15 -12.99
C ALA B 190 11.15 4.51 -12.44
N SER B 191 9.87 4.69 -12.13
CA SER B 191 9.37 6.00 -11.69
C SER B 191 8.62 5.94 -10.37
N SER B 192 9.12 6.69 -9.38
CA SER B 192 8.53 6.71 -8.04
C SER B 192 8.20 8.12 -7.59
N GLY B 193 6.92 8.47 -7.59
CA GLY B 193 6.49 9.83 -7.30
C GLY B 193 6.90 10.75 -8.43
N LEU B 194 7.97 11.53 -8.23
CA LEU B 194 8.54 12.36 -9.28
C LEU B 194 9.87 11.80 -9.78
N MET B 195 10.72 11.37 -8.84
CA MET B 195 12.04 10.82 -9.16
C MET B 195 11.96 9.65 -10.14
N THR B 196 12.90 9.63 -11.09
CA THR B 196 12.95 8.60 -12.13
C THR B 196 14.40 8.23 -12.48
N LYS B 197 14.69 6.94 -12.40
CA LYS B 197 16.01 6.41 -12.76
C LYS B 197 15.93 5.41 -13.92
N LYS B 198 16.85 5.55 -14.87
CA LYS B 198 16.87 4.71 -16.07
C LYS B 198 18.11 3.83 -16.12
N ASN B 199 17.99 2.68 -16.76
CA ASN B 199 19.14 1.82 -17.06
C ASN B 199 18.95 1.05 -18.35
N SER B 200 20.07 0.74 -19.01
CA SER B 200 20.01 0.13 -20.33
C SER B 200 21.08 -0.94 -20.57
N THR B 201 20.80 -1.81 -21.53
CA THR B 201 21.76 -2.77 -22.02
C THR B 201 21.54 -2.93 -23.54
N PHE B 202 22.54 -3.45 -24.23
CA PHE B 202 22.43 -3.68 -25.66
C PHE B 202 22.15 -5.13 -25.95
N VAL B 203 21.05 -5.39 -26.66
CA VAL B 203 20.71 -6.75 -27.08
C VAL B 203 21.11 -6.91 -28.53
N ARG B 204 22.00 -7.86 -28.79
CA ARG B 204 22.53 -8.10 -30.12
C ARG B 204 21.88 -9.36 -30.70
N VAL B 205 21.43 -9.26 -31.95
CA VAL B 205 20.78 -10.38 -32.64
C VAL B 205 21.43 -10.60 -34.00
N HIS B 206 21.94 -11.81 -34.23
CA HIS B 206 22.54 -12.18 -35.51
C HIS B 206 22.43 -13.68 -35.76
N GLU B 207 22.88 -14.13 -36.93
CA GLU B 207 22.96 -15.57 -37.24
C GLU B 207 24.34 -16.13 -36.93
#